data_7U45
#
_entry.id   7U45
#
_cell.length_a   100.156
_cell.length_b   135.049
_cell.length_c   135.924
_cell.angle_alpha   102.921
_cell.angle_beta   96.913
_cell.angle_gamma   108.047
#
_symmetry.space_group_name_H-M   'P 1'
#
loop_
_entity.id
_entity.type
_entity.pdbx_description
1 polymer "DNA (5'-D(P*CP*AP*CP*GP*AP*GP*CP*CP*TP*GP*AP*TP*CP*GP*GP*AP*CP*AP*AP*GP*A)-3')"
2 polymer "DNA (5'-D(P*TP*TP*TP*AP*GP*CP*AP*TP*AP*GP*GP*CP*AP*GP*TP*CP*GP*TP*GP*GP*CP*TP*CP*G)-3')"
3 polymer "DNA (5'-D(P*GP*AP*TP*CP*TP*TP*GP*TP*GP*GP*CP*TP*GP*C)-3')"
4 polymer "DNA (5'-D(P*AP*GP*GP*CP*AP*GP*CP*CP*TP*GP*TP*AP*CP*GP*GP*AP*CP*AP*TP*CP*A)-3')"
5 polymer "DNA (5'-D(P*AP*CP*TP*GP*AP*TP*GP*TP*GP*GP*TP*AP*GP*G)-3')"
6 polymer 'DNA (31-MER)'
7 polymer "DNA (5'-D(P*CP*AP*CP*CP*GP*AP*TP*CP*AP*CP*CP*TP*GP*CP*CP*AP*CP*CP*GP*TP*A)-3')"
8 polymer "DNA (5'-D(P*TP*GP*CP*TP*AP*GP*GP*CP*TP*AP*AP*CP*TP*CP*GP*CP*TP*AP*GP*CP*G)-3')"
9 polymer "DNA (5'-D(P*TP*CP*CP*GP*CP*TP*AP*GP*CP*GP*AP*GP*TP*TP*AP*GP*CP*CP*TP*AP*G)-3')"
10 polymer "DNA (5'-D(P*CP*TP*TP*GP*CP*TP*GP*AP*CP*GP*AP*TP*CP*TP*AP*GP*CP*AP*GP*AP*G)-3')"
11 polymer "DNA (5'-D(P*GP*TP*CP*TP*CP*TP*GP*CP*TP*AP*GP*AP*TP*CP*GP*TP*CP*AP*GP*CP*A)-3')"
#
loop_
_entity_poly.entity_id
_entity_poly.type
_entity_poly.pdbx_seq_one_letter_code
_entity_poly.pdbx_strand_id
1 'polydeoxyribonucleotide'
;(DC)(DA)(DC)(DG)(DA)(DG)(DC)(DC)(DT)(DG)(DA)(DT)(DC)(DG)(DG)(DA)(DC)(DA)(DA)(DG)
(DA)
;
A
2 'polydeoxyribonucleotide'
;(DT)(DT)(DT)(DA)(DG)(DC)(DA)(DT)(DA)(DG)(DG)(DC)(DA)(DG)(DT)(DC)(DG)(DT)(DG)(DG)
(DC)(DT)(DC)(DG)
;
E
3 'polydeoxyribonucleotide' (DG)(DA)(DT)(DC)(DT)(DT)(DG)(DT)(DG)(DG)(DC)(DT)(DG)(DC) D
4 'polydeoxyribonucleotide'
;(DA)(DG)(DG)(DC)(DA)(DG)(DC)(DC)(DT)(DG)(DT)(DA)(DC)(DG)(DG)(DA)(DC)(DA)(DT)(DC)
(DA)
;
B
5 'polydeoxyribonucleotide' (DA)(DC)(DT)(DG)(DA)(DT)(DG)(DT)(DG)(DG)(DT)(DA)(DG)(DG) F
6 'polydeoxyribonucleotide'
;(DA)(DA)(DC)(DC)(DT)(DA)(DC)(DC)(DT)(DG)(DG)(DC)(DA)(DG)(DG)(DA)(DC)(DG)(DA)(DC)
(DT)(DG)(DC)(DC)(DT)(DA)(DT)(DG)(DC)(DT)(DA)
;
C
7 'polydeoxyribonucleotide'
;(DC)(DA)(DC)(DC)(DG)(DA)(DT)(DC)(DA)(DC)(DC)(DT)(DG)(DC)(DC)(DA)(DC)(DC)(DG)(DT)
(DA)
;
M
8 'polydeoxyribonucleotide'
;(DT)(DG)(DC)(DT)(DA)(DG)(DG)(DC)(DT)(DA)(DA)(DC)(DT)(DC)(DG)(DC)(DT)(DA)(DG)(DC)
(DG)
;
X
9 'polydeoxyribonucleotide'
;(DT)(DC)(DC)(DG)(DC)(DT)(DA)(DG)(DC)(DG)(DA)(DG)(DT)(DT)(DA)(DG)(DC)(DC)(DT)(DA)
(DG)
;
Y
10 'polydeoxyribonucleotide'
;(DC)(DT)(DT)(DG)(DC)(DT)(DG)(DA)(DC)(DG)(DA)(DT)(DC)(DT)(DA)(DG)(DC)(DA)(DG)(DA)
(DG)
;
U
11 'polydeoxyribonucleotide'
;(DG)(DT)(DC)(DT)(DC)(DT)(DG)(DC)(DT)(DA)(DG)(DA)(DT)(DC)(DG)(DT)(DC)(DA)(DG)(DC)
(DA)
;
V
#
loop_
_chem_comp.id
_chem_comp.type
_chem_comp.name
_chem_comp.formula
DA DNA linking 2'-DEOXYADENOSINE-5'-MONOPHOSPHATE 'C10 H14 N5 O6 P'
DC DNA linking 2'-DEOXYCYTIDINE-5'-MONOPHOSPHATE 'C9 H14 N3 O7 P'
DG DNA linking 2'-DEOXYGUANOSINE-5'-MONOPHOSPHATE 'C10 H14 N5 O7 P'
DT DNA linking THYMIDINE-5'-MONOPHOSPHATE 'C10 H15 N2 O8 P'
#